data_7K44
#
_entry.id   7K44
#
_cell.length_a   119.864
_cell.length_b   66.718
_cell.length_c   57.966
_cell.angle_alpha   90.000
_cell.angle_beta   115.238
_cell.angle_gamma   90.000
#
_symmetry.space_group_name_H-M   'C 1 2 1'
#
loop_
_entity.id
_entity.type
_entity.pdbx_description
1 polymer SGBP-B
2 non-polymer 'CALCIUM ION'
3 water water
#
_entity_poly.entity_id   1
_entity_poly.type   'polypeptide(L)'
_entity_poly.pdbx_seq_one_letter_code
;MHHHHHHSSGVDLGTENLYFQSNAMHVLSPAPYITRVATTFPVETGTPLRIVGGNFYEIQRVYFTTAVDDITNAPVSVEV
TDYTVNKNFDEISFNAPAGLIDEGSLVVECYTASAFTPFRRTALPPSISKVSSMMPITGTTVTVLGQNFMDIVSITMGNR
SVDLSTVTVSEANDMLTFTMPRAPQGTCSLAITTMGGTAEVPGFYPLENIVLNYDNIGWFSWGGQAVPVTADGTAAPFFS
DGKCYSISGELSAWNYWWGQLQNGAVWGIDTAFLPTDTPTSELALQFECFVAVEYGEGPVFRIYLKGNEAHNYTNYRPVS
DFTGKTEVGQWMQCSIPLSELVDETTWGEFQKRDGDELALQMTNPSENGPYNIEMYFDNFRVVKIQ
;
_entity_poly.pdbx_strand_id   A
#
# COMPACT_ATOMS: atom_id res chain seq x y z
N PRO A 30 16.94 -34.40 -6.54
CA PRO A 30 16.80 -32.95 -6.38
C PRO A 30 17.64 -32.44 -5.22
N ALA A 31 18.03 -31.17 -5.27
CA ALA A 31 18.95 -30.57 -4.31
C ALA A 31 18.19 -29.87 -3.20
N PRO A 32 18.77 -29.79 -2.00
CA PRO A 32 18.07 -29.15 -0.89
C PRO A 32 17.96 -27.65 -1.07
N TYR A 33 16.92 -27.07 -0.47
CA TYR A 33 16.75 -25.64 -0.43
C TYR A 33 16.11 -25.24 0.89
N ILE A 34 16.32 -24.00 1.29
CA ILE A 34 15.76 -23.44 2.51
C ILE A 34 14.87 -22.27 2.12
N THR A 35 13.60 -22.33 2.51
CA THR A 35 12.66 -21.25 2.26
C THR A 35 12.70 -20.23 3.39
N ARG A 36 12.73 -20.71 4.63
CA ARG A 36 12.69 -19.84 5.78
C ARG A 36 13.08 -20.67 6.99
N VAL A 37 13.31 -19.98 8.10
CA VAL A 37 13.57 -20.60 9.39
C VAL A 37 12.60 -20.00 10.39
N ALA A 38 11.85 -20.86 11.07
CA ALA A 38 10.92 -20.44 12.09
C ALA A 38 11.61 -20.49 13.44
N THR A 39 11.51 -19.39 14.19
CA THR A 39 12.08 -19.33 15.53
C THR A 39 11.55 -18.09 16.24
N THR A 40 11.68 -18.10 17.56
CA THR A 40 11.37 -16.95 18.39
C THR A 40 12.65 -16.23 18.77
N PHE A 41 12.59 -14.92 18.83
CA PHE A 41 13.75 -14.10 19.09
C PHE A 41 13.71 -13.56 20.52
N PRO A 42 14.89 -13.33 21.14
CA PRO A 42 16.19 -13.64 20.57
C PRO A 42 16.45 -15.14 20.68
N VAL A 43 17.31 -15.65 19.80
CA VAL A 43 17.64 -17.07 19.80
C VAL A 43 18.69 -17.29 20.87
N GLU A 44 18.32 -17.98 21.94
CA GLU A 44 19.19 -18.33 23.04
C GLU A 44 19.50 -19.82 22.99
N THR A 45 20.44 -20.24 23.82
CA THR A 45 20.70 -21.66 23.96
C THR A 45 19.40 -22.39 24.27
N GLY A 46 19.11 -23.42 23.48
CA GLY A 46 17.92 -24.22 23.67
C GLY A 46 16.69 -23.73 22.93
N THR A 47 16.72 -22.53 22.35
CA THR A 47 15.56 -22.04 21.61
C THR A 47 15.26 -22.95 20.44
N PRO A 48 14.02 -23.41 20.27
CA PRO A 48 13.71 -24.26 19.12
C PRO A 48 13.73 -23.48 17.82
N LEU A 49 14.28 -24.10 16.78
CA LEU A 49 14.22 -23.56 15.43
C LEU A 49 13.67 -24.64 14.50
N ARG A 50 13.04 -24.22 13.42
CA ARG A 50 12.62 -25.14 12.37
C ARG A 50 13.08 -24.61 11.02
N ILE A 51 13.91 -25.38 10.33
CA ILE A 51 14.29 -25.06 8.96
C ILE A 51 13.19 -25.56 8.04
N VAL A 52 12.66 -24.67 7.20
CA VAL A 52 11.58 -24.98 6.27
C VAL A 52 12.11 -24.86 4.85
N GLY A 53 12.00 -25.93 4.08
CA GLY A 53 12.50 -25.92 2.72
C GLY A 53 12.03 -27.12 1.92
N GLY A 54 12.97 -27.93 1.46
CA GLY A 54 12.61 -29.13 0.73
C GLY A 54 13.84 -29.94 0.39
N ASN A 55 13.60 -31.21 0.08
CA ASN A 55 14.62 -32.13 -0.42
C ASN A 55 15.73 -32.36 0.60
N PHE A 56 15.37 -32.43 1.88
CA PHE A 56 16.37 -32.71 2.90
C PHE A 56 16.66 -34.20 3.01
N TYR A 57 17.03 -34.83 1.89
CA TYR A 57 17.40 -36.24 1.86
C TYR A 57 18.87 -36.39 2.15
N GLU A 58 19.21 -37.45 2.89
CA GLU A 58 20.60 -37.80 3.17
C GLU A 58 21.37 -36.63 3.79
N ILE A 59 20.72 -35.99 4.77
CA ILE A 59 21.39 -34.95 5.53
C ILE A 59 22.66 -35.52 6.14
N GLN A 60 23.77 -34.84 5.92
CA GLN A 60 25.02 -35.23 6.55
C GLN A 60 25.43 -34.33 7.70
N ARG A 61 25.18 -33.03 7.59
CA ARG A 61 25.48 -32.12 8.67
C ARG A 61 24.48 -30.97 8.66
N VAL A 62 24.24 -30.42 9.85
CA VAL A 62 23.55 -29.15 10.02
C VAL A 62 24.44 -28.29 10.90
N TYR A 63 24.72 -27.06 10.46
CA TYR A 63 25.63 -26.26 11.26
C TYR A 63 25.43 -24.77 10.97
N PHE A 64 25.77 -23.95 11.95
CA PHE A 64 25.91 -22.51 11.78
C PHE A 64 27.35 -22.19 11.41
N THR A 65 27.51 -21.21 10.54
CA THR A 65 28.82 -20.79 10.05
C THR A 65 28.91 -19.27 10.06
N THR A 66 30.12 -18.75 10.28
CA THR A 66 30.33 -17.32 10.12
C THR A 66 30.32 -16.90 8.66
N ALA A 67 30.54 -17.84 7.73
CA ALA A 67 30.53 -17.52 6.32
C ALA A 67 29.16 -17.02 5.87
N VAL A 68 29.17 -16.10 4.91
CA VAL A 68 27.97 -15.58 4.29
C VAL A 68 28.16 -15.64 2.78
N ASP A 69 27.04 -15.54 2.06
CA ASP A 69 27.01 -15.38 0.61
C ASP A 69 27.55 -16.60 -0.15
N ASP A 70 28.71 -17.10 0.24
CA ASP A 70 29.26 -18.32 -0.36
C ASP A 70 29.80 -19.21 0.74
N ILE A 71 29.33 -20.46 0.76
CA ILE A 71 29.65 -21.40 1.83
C ILE A 71 30.63 -22.48 1.37
N THR A 72 31.35 -22.24 0.28
CA THR A 72 32.40 -23.18 -0.14
C THR A 72 33.53 -23.10 0.87
N ASN A 73 33.85 -24.24 1.49
CA ASN A 73 34.83 -24.29 2.58
C ASN A 73 34.44 -23.37 3.72
N ALA A 74 33.15 -23.33 4.04
CA ALA A 74 32.68 -22.59 5.19
C ALA A 74 33.03 -23.37 6.46
N PRO A 75 33.50 -22.69 7.50
CA PRO A 75 33.79 -23.38 8.75
C PRO A 75 32.53 -23.85 9.44
N VAL A 76 32.65 -24.99 10.13
CA VAL A 76 31.60 -25.49 11.02
C VAL A 76 31.74 -24.77 12.36
N SER A 77 31.19 -23.56 12.44
CA SER A 77 31.37 -22.73 13.63
C SER A 77 30.65 -23.29 14.84
N VAL A 78 29.38 -23.67 14.67
CA VAL A 78 28.59 -24.31 15.72
C VAL A 78 27.76 -25.40 15.04
N GLU A 79 28.08 -26.66 15.32
CA GLU A 79 27.35 -27.76 14.71
C GLU A 79 26.07 -28.05 15.50
N VAL A 80 25.05 -28.48 14.78
CA VAL A 80 23.82 -29.03 15.36
C VAL A 80 23.91 -30.54 15.21
N THR A 81 24.10 -31.26 16.33
CA THR A 81 24.21 -32.71 16.27
C THR A 81 22.89 -33.42 16.51
N ASP A 82 21.93 -32.76 17.14
CA ASP A 82 20.66 -33.39 17.52
C ASP A 82 19.55 -32.64 16.79
N TYR A 83 18.96 -33.29 15.78
CA TYR A 83 17.86 -32.70 15.03
C TYR A 83 16.96 -33.81 14.50
N THR A 84 15.75 -33.42 14.09
CA THR A 84 14.82 -34.37 13.50
C THR A 84 14.28 -33.82 12.18
N VAL A 85 13.91 -34.72 11.28
CA VAL A 85 13.35 -34.37 9.98
C VAL A 85 11.94 -34.94 9.90
N ASN A 86 11.03 -34.18 9.26
CA ASN A 86 9.65 -34.63 9.15
C ASN A 86 9.49 -35.66 8.03
N LYS A 87 8.28 -36.17 7.87
CA LYS A 87 8.02 -37.26 6.93
C LYS A 87 8.25 -36.84 5.48
N ASN A 88 7.96 -35.60 5.12
CA ASN A 88 8.11 -35.14 3.74
C ASN A 88 9.48 -34.55 3.44
N PHE A 89 10.44 -34.67 4.36
CA PHE A 89 11.81 -34.19 4.16
C PHE A 89 11.85 -32.72 3.77
N ASP A 90 10.99 -31.92 4.38
CA ASP A 90 10.97 -30.49 4.08
C ASP A 90 10.99 -29.61 5.32
N GLU A 91 11.14 -30.18 6.51
CA GLU A 91 11.25 -29.40 7.74
C GLU A 91 12.20 -30.11 8.70
N ILE A 92 13.16 -29.36 9.23
CA ILE A 92 14.16 -29.89 10.17
C ILE A 92 14.02 -29.11 11.49
N SER A 93 13.87 -29.85 12.59
CA SER A 93 13.68 -29.23 13.90
C SER A 93 14.90 -29.49 14.78
N PHE A 94 15.30 -28.47 15.54
CA PHE A 94 16.37 -28.64 16.52
C PHE A 94 16.35 -27.49 17.52
N ASN A 95 17.03 -27.68 18.63
CA ASN A 95 17.19 -26.64 19.65
C ASN A 95 18.55 -25.97 19.49
N ALA A 96 18.58 -24.65 19.65
CA ALA A 96 19.79 -23.90 19.36
C ALA A 96 20.94 -24.38 20.24
N PRO A 97 22.10 -24.69 19.66
CA PRO A 97 23.24 -25.11 20.48
C PRO A 97 23.79 -23.95 21.31
N ALA A 98 24.56 -24.31 22.34
CA ALA A 98 25.26 -23.31 23.12
C ALA A 98 26.37 -22.66 22.29
N GLY A 99 26.74 -21.44 22.68
CA GLY A 99 27.80 -20.73 21.99
C GLY A 99 27.42 -20.31 20.59
N LEU A 100 26.15 -19.99 20.37
CA LEU A 100 25.67 -19.66 19.04
C LEU A 100 26.28 -18.36 18.53
N ILE A 101 26.65 -18.36 17.25
CA ILE A 101 27.16 -17.14 16.62
C ILE A 101 26.07 -16.06 16.60
N ASP A 102 26.52 -14.81 16.52
CA ASP A 102 25.56 -13.71 16.47
C ASP A 102 24.97 -13.55 15.08
N GLU A 103 25.77 -13.76 14.04
CA GLU A 103 25.28 -13.70 12.67
C GLU A 103 26.20 -14.48 11.74
N GLY A 104 25.61 -14.98 10.67
CA GLY A 104 26.29 -15.75 9.66
C GLY A 104 25.28 -16.48 8.80
N SER A 105 25.44 -17.79 8.67
CA SER A 105 24.53 -18.59 7.87
C SER A 105 24.22 -19.88 8.61
N LEU A 106 23.03 -20.42 8.34
CA LEU A 106 22.65 -21.75 8.78
C LEU A 106 22.67 -22.67 7.57
N VAL A 107 23.35 -23.81 7.69
CA VAL A 107 23.64 -24.68 6.56
C VAL A 107 23.06 -26.07 6.80
N VAL A 108 22.45 -26.63 5.75
CA VAL A 108 22.09 -28.04 5.70
C VAL A 108 22.94 -28.68 4.60
N GLU A 109 23.85 -29.55 5.00
CA GLU A 109 24.76 -30.23 4.08
C GLU A 109 24.21 -31.63 3.84
N CYS A 110 23.78 -31.91 2.62
CA CYS A 110 23.25 -33.21 2.22
C CYS A 110 24.21 -33.89 1.25
N TYR A 111 23.89 -35.12 0.88
CA TYR A 111 24.72 -35.89 -0.05
C TYR A 111 24.79 -35.19 -1.41
N THR A 112 23.64 -34.83 -1.96
CA THR A 112 23.60 -34.17 -3.25
C THR A 112 24.36 -32.85 -3.23
N ALA A 113 23.92 -31.93 -2.38
CA ALA A 113 24.50 -30.59 -2.31
C ALA A 113 24.18 -30.00 -0.94
N SER A 114 24.48 -28.72 -0.77
CA SER A 114 24.18 -28.01 0.47
C SER A 114 23.19 -26.89 0.20
N ALA A 115 22.44 -26.52 1.23
CA ALA A 115 21.60 -25.34 1.22
C ALA A 115 21.98 -24.48 2.42
N PHE A 116 21.82 -23.16 2.26
CA PHE A 116 22.11 -22.27 3.38
C PHE A 116 21.20 -21.06 3.33
N THR A 117 21.11 -20.37 4.46
CA THR A 117 20.24 -19.22 4.60
C THR A 117 20.90 -18.27 5.59
N PRO A 118 20.68 -16.96 5.44
CA PRO A 118 21.21 -16.03 6.44
C PRO A 118 20.65 -16.33 7.82
N PHE A 119 21.46 -16.08 8.85
CA PHE A 119 21.03 -16.25 10.22
C PHE A 119 21.54 -15.10 11.07
N ARG A 120 20.68 -14.61 11.97
CA ARG A 120 21.12 -13.75 13.06
C ARG A 120 20.28 -14.06 14.29
N ARG A 121 20.89 -13.87 15.47
CA ARG A 121 20.26 -14.27 16.72
C ARG A 121 19.19 -13.30 17.21
N THR A 122 19.21 -12.06 16.76
CA THR A 122 18.28 -11.05 17.27
C THR A 122 17.46 -10.50 16.12
N ALA A 123 16.25 -10.06 16.45
CA ALA A 123 15.34 -9.51 15.45
C ALA A 123 15.79 -8.12 15.02
N LEU A 124 15.65 -7.84 13.73
CA LEU A 124 15.78 -6.48 13.22
C LEU A 124 14.45 -5.75 13.42
N PRO A 125 14.50 -4.42 13.53
CA PRO A 125 13.25 -3.66 13.62
C PRO A 125 12.48 -3.77 12.31
N PRO A 126 11.15 -3.63 12.36
CA PRO A 126 10.37 -3.65 11.12
C PRO A 126 10.56 -2.34 10.36
N SER A 127 10.26 -2.39 9.07
CA SER A 127 10.29 -1.21 8.24
C SER A 127 9.12 -1.27 7.27
N ILE A 128 8.67 -0.09 6.84
CA ILE A 128 7.58 0.03 5.89
C ILE A 128 8.09 0.74 4.65
N SER A 129 7.90 0.12 3.48
CA SER A 129 8.29 0.76 2.24
C SER A 129 7.12 1.30 1.43
N LYS A 130 5.94 0.71 1.54
CA LYS A 130 4.79 1.17 0.75
CA LYS A 130 4.79 1.16 0.75
CA LYS A 130 4.79 1.17 0.75
C LYS A 130 3.51 0.84 1.50
N VAL A 131 2.50 1.70 1.34
CA VAL A 131 1.17 1.49 1.93
C VAL A 131 0.14 1.69 0.81
N SER A 132 -0.91 0.87 0.84
CA SER A 132 -1.86 0.89 -0.25
C SER A 132 -2.61 2.22 -0.36
N SER A 133 -2.86 2.89 0.76
CA SER A 133 -3.45 4.22 0.69
C SER A 133 -3.07 4.94 1.97
N MET A 134 -2.91 6.27 1.85
CA MET A 134 -2.69 7.09 3.04
C MET A 134 -3.99 7.53 3.68
N MET A 135 -5.12 7.16 3.08
CA MET A 135 -6.43 7.51 3.65
C MET A 135 -7.41 6.37 3.40
N PRO A 136 -7.13 5.18 3.93
CA PRO A 136 -8.03 4.05 3.69
C PRO A 136 -9.40 4.27 4.32
N ILE A 137 -10.41 3.83 3.59
CA ILE A 137 -11.78 3.91 4.07
C ILE A 137 -12.05 2.81 5.09
N THR A 138 -12.73 3.18 6.18
CA THR A 138 -13.00 2.23 7.26
C THR A 138 -13.73 1.00 6.74
N GLY A 139 -13.26 -0.18 7.13
CA GLY A 139 -13.83 -1.42 6.68
C GLY A 139 -13.15 -2.05 5.49
N THR A 140 -12.34 -1.30 4.75
CA THR A 140 -11.65 -1.84 3.60
C THR A 140 -10.34 -2.51 4.03
N THR A 141 -9.72 -3.23 3.11
CA THR A 141 -8.48 -3.93 3.39
C THR A 141 -7.29 -3.07 2.98
N VAL A 142 -6.37 -2.86 3.90
CA VAL A 142 -5.16 -2.07 3.67
C VAL A 142 -4.02 -3.06 3.51
N THR A 143 -3.13 -2.80 2.57
CA THR A 143 -1.95 -3.62 2.36
C THR A 143 -0.70 -2.80 2.66
N VAL A 144 0.27 -3.40 3.35
CA VAL A 144 1.53 -2.73 3.68
C VAL A 144 2.67 -3.61 3.22
N LEU A 145 3.65 -3.01 2.54
CA LEU A 145 4.88 -3.69 2.16
C LEU A 145 6.01 -3.21 3.05
N GLY A 146 6.90 -4.13 3.43
CA GLY A 146 8.02 -3.74 4.25
C GLY A 146 8.91 -4.93 4.55
N GLN A 147 9.60 -4.89 5.68
CA GLN A 147 10.49 -5.99 6.05
C GLN A 147 10.36 -6.25 7.54
N ASN A 148 10.55 -7.51 7.93
CA ASN A 148 10.67 -7.90 9.34
C ASN A 148 9.36 -7.69 10.12
N PHE A 149 8.25 -8.14 9.54
CA PHE A 149 6.93 -8.07 10.14
C PHE A 149 6.63 -9.25 11.09
N MET A 150 7.63 -9.97 11.53
CA MET A 150 7.43 -11.08 12.45
C MET A 150 7.05 -10.58 13.84
N ASP A 151 6.24 -11.36 14.55
CA ASP A 151 5.90 -11.11 15.95
CA ASP A 151 5.91 -11.10 15.95
C ASP A 151 5.27 -9.72 16.13
N ILE A 152 4.18 -9.51 15.40
CA ILE A 152 3.49 -8.23 15.45
C ILE A 152 2.83 -8.03 16.81
N VAL A 153 3.02 -6.84 17.38
CA VAL A 153 2.37 -6.47 18.63
C VAL A 153 1.17 -5.56 18.39
N SER A 154 1.28 -4.61 17.46
CA SER A 154 0.18 -3.68 17.24
C SER A 154 0.36 -3.01 15.90
N ILE A 155 -0.76 -2.56 15.34
CA ILE A 155 -0.78 -1.65 14.21
C ILE A 155 -1.67 -0.48 14.60
N THR A 156 -1.12 0.72 14.58
CA THR A 156 -1.78 1.89 15.14
C THR A 156 -1.72 3.06 14.16
N MET A 157 -2.65 3.99 14.37
CA MET A 157 -2.74 5.19 13.54
C MET A 157 -3.36 6.26 14.43
N GLY A 158 -2.54 7.17 14.94
CA GLY A 158 -3.08 8.13 15.88
C GLY A 158 -3.58 7.40 17.11
N ASN A 159 -4.80 7.71 17.53
CA ASN A 159 -5.41 7.05 18.68
C ASN A 159 -6.27 5.85 18.31
N ARG A 160 -6.05 5.25 17.13
CA ARG A 160 -6.76 4.06 16.71
C ARG A 160 -5.81 2.88 16.64
N SER A 161 -6.31 1.69 16.95
CA SER A 161 -5.51 0.47 16.89
C SER A 161 -6.26 -0.61 16.12
N VAL A 162 -5.52 -1.33 15.29
CA VAL A 162 -6.10 -2.31 14.37
C VAL A 162 -6.49 -3.57 15.14
N ASP A 163 -7.66 -4.13 14.80
CA ASP A 163 -8.08 -5.43 15.30
C ASP A 163 -7.14 -6.49 14.72
N LEU A 164 -6.30 -7.09 15.57
CA LEU A 164 -5.29 -8.01 15.06
C LEU A 164 -5.89 -9.29 14.49
N SER A 165 -7.15 -9.60 14.78
CA SER A 165 -7.80 -10.74 14.14
C SER A 165 -7.99 -10.54 12.65
N THR A 166 -7.90 -9.29 12.17
CA THR A 166 -8.01 -9.01 10.74
C THR A 166 -6.67 -8.99 10.02
N VAL A 167 -5.56 -9.19 10.74
CA VAL A 167 -4.23 -9.08 10.14
C VAL A 167 -3.80 -10.41 9.55
N THR A 168 -3.25 -10.36 8.34
CA THR A 168 -2.60 -11.50 7.69
C THR A 168 -1.19 -11.06 7.29
N VAL A 169 -0.19 -11.87 7.58
CA VAL A 169 1.19 -11.55 7.27
C VAL A 169 1.76 -12.63 6.36
N SER A 170 2.48 -12.23 5.32
CA SER A 170 3.06 -13.16 4.36
C SER A 170 4.12 -14.00 5.05
N GLU A 171 4.46 -15.12 4.42
CA GLU A 171 5.42 -16.04 5.06
C GLU A 171 6.80 -15.39 5.16
N ALA A 172 7.16 -14.56 4.19
CA ALA A 172 8.44 -13.85 4.20
C ALA A 172 8.45 -12.62 5.09
N ASN A 173 7.36 -12.35 5.81
CA ASN A 173 7.27 -11.23 6.75
C ASN A 173 7.53 -9.88 6.08
N ASP A 174 7.20 -9.77 4.79
CA ASP A 174 7.44 -8.54 4.03
C ASP A 174 6.16 -7.92 3.50
N MET A 175 5.00 -8.44 3.88
CA MET A 175 3.73 -7.92 3.40
CA MET A 175 3.73 -7.92 3.41
C MET A 175 2.67 -8.27 4.44
N LEU A 176 1.74 -7.35 4.68
CA LEU A 176 0.63 -7.68 5.53
C LEU A 176 -0.61 -6.97 5.04
N THR A 177 -1.76 -7.49 5.44
CA THR A 177 -3.04 -6.83 5.23
C THR A 177 -3.77 -6.72 6.55
N PHE A 178 -4.63 -5.71 6.66
CA PHE A 178 -5.49 -5.55 7.81
C PHE A 178 -6.75 -4.80 7.38
N THR A 179 -7.76 -4.85 8.24
CA THR A 179 -8.99 -4.10 8.01
C THR A 179 -8.86 -2.72 8.65
N MET A 180 -9.14 -1.70 7.87
CA MET A 180 -9.03 -0.35 8.38
C MET A 180 -10.06 -0.13 9.47
N PRO A 181 -9.65 0.31 10.65
CA PRO A 181 -10.61 0.57 11.73
C PRO A 181 -11.29 1.92 11.56
N ARG A 182 -12.00 2.36 12.60
CA ARG A 182 -12.56 3.71 12.62
C ARG A 182 -11.48 4.73 12.30
N ALA A 183 -11.85 5.74 11.54
CA ALA A 183 -10.88 6.70 11.02
C ALA A 183 -10.21 7.48 12.16
N PRO A 184 -8.92 7.76 12.04
CA PRO A 184 -8.27 8.73 12.95
C PRO A 184 -8.90 10.11 12.83
N GLN A 185 -8.57 10.97 13.78
CA GLN A 185 -9.12 12.33 13.82
C GLN A 185 -8.41 13.29 12.89
N GLY A 186 -7.24 12.93 12.40
CA GLY A 186 -6.47 13.81 11.52
C GLY A 186 -5.11 13.21 11.24
N THR A 187 -4.25 14.03 10.62
CA THR A 187 -2.92 13.57 10.23
C THR A 187 -2.21 12.94 11.42
N CYS A 188 -1.67 11.75 11.21
CA CYS A 188 -0.97 11.05 12.28
C CYS A 188 0.09 10.15 11.65
N SER A 189 0.65 9.24 12.45
CA SER A 189 1.60 8.25 11.97
C SER A 189 0.93 6.89 11.96
N LEU A 190 1.09 6.17 10.85
CA LEU A 190 0.83 4.74 10.84
C LEU A 190 2.05 4.04 11.42
N ALA A 191 1.81 3.15 12.39
CA ALA A 191 2.92 2.50 13.08
C ALA A 191 2.64 1.01 13.17
N ILE A 192 3.62 0.20 12.76
CA ILE A 192 3.60 -1.24 12.97
C ILE A 192 4.65 -1.55 14.01
N THR A 193 4.23 -2.15 15.12
CA THR A 193 5.12 -2.48 16.21
C THR A 193 5.23 -3.99 16.30
N THR A 194 6.47 -4.49 16.31
CA THR A 194 6.75 -5.90 16.54
C THR A 194 7.58 -6.02 17.81
N MET A 195 7.87 -7.26 18.19
CA MET A 195 8.80 -7.47 19.30
C MET A 195 10.18 -6.91 19.00
N GLY A 196 10.51 -6.68 17.73
CA GLY A 196 11.78 -6.12 17.31
C GLY A 196 11.86 -4.62 17.22
N GLY A 197 10.73 -3.91 17.30
CA GLY A 197 10.74 -2.46 17.22
C GLY A 197 9.53 -1.94 16.50
N THR A 198 9.63 -0.69 16.03
CA THR A 198 8.50 0.04 15.48
C THR A 198 8.89 0.70 14.17
N ALA A 199 8.01 0.58 13.18
CA ALA A 199 8.13 1.31 11.92
C ALA A 199 7.01 2.31 11.85
N GLU A 200 7.33 3.53 11.41
CA GLU A 200 6.37 4.63 11.40
C GLU A 200 6.31 5.25 10.01
N VAL A 201 5.09 5.58 9.59
CA VAL A 201 4.84 6.35 8.37
C VAL A 201 4.17 7.65 8.77
N PRO A 202 4.85 8.79 8.73
CA PRO A 202 4.21 10.06 9.04
C PRO A 202 3.34 10.53 7.88
N GLY A 203 2.49 11.51 8.17
CA GLY A 203 1.61 12.03 7.14
C GLY A 203 0.41 11.17 6.84
N PHE A 204 0.17 10.15 7.65
CA PHE A 204 -0.95 9.24 7.40
C PHE A 204 -2.28 9.90 7.75
N TYR A 205 -3.31 9.54 6.99
CA TYR A 205 -4.66 10.07 7.18
C TYR A 205 -4.75 11.61 7.18
N PRO A 206 -4.31 12.28 6.11
CA PRO A 206 -4.22 13.75 6.06
C PRO A 206 -5.56 14.44 5.84
N LEU A 207 -6.44 14.30 6.83
CA LEU A 207 -7.77 14.89 6.72
C LEU A 207 -7.72 16.41 6.60
N GLU A 208 -6.73 17.05 7.22
CA GLU A 208 -6.61 18.49 7.17
C GLU A 208 -6.34 18.98 5.75
N ASN A 209 -5.87 18.09 4.87
CA ASN A 209 -5.51 18.43 3.50
C ASN A 209 -6.61 18.14 2.51
N ILE A 210 -7.78 17.71 2.97
CA ILE A 210 -8.92 17.43 2.09
C ILE A 210 -9.47 18.74 1.52
N VAL A 211 -9.66 18.76 0.20
CA VAL A 211 -10.27 19.90 -0.49
C VAL A 211 -11.68 19.59 -1.00
N LEU A 212 -12.06 18.32 -1.06
CA LEU A 212 -13.39 17.94 -1.53
C LEU A 212 -13.69 16.55 -1.02
N ASN A 213 -14.76 16.41 -0.23
CA ASN A 213 -15.16 15.09 0.22
C ASN A 213 -16.65 14.82 0.09
N TYR A 214 -17.42 15.74 -0.49
CA TYR A 214 -18.85 15.58 -0.73
C TYR A 214 -19.65 15.48 0.56
N ASP A 215 -19.02 15.75 1.70
CA ASP A 215 -19.69 15.74 2.99
C ASP A 215 -19.59 17.16 3.53
N ASN A 216 -18.62 17.45 4.39
CA ASN A 216 -18.47 18.78 4.97
C ASN A 216 -17.53 19.69 4.18
N ILE A 217 -16.77 19.17 3.20
CA ILE A 217 -15.76 19.94 2.49
C ILE A 217 -16.10 19.93 1.00
N GLY A 218 -16.36 21.12 0.44
CA GLY A 218 -16.65 21.24 -0.97
C GLY A 218 -18.05 20.79 -1.33
N TRP A 219 -18.31 20.81 -2.63
CA TRP A 219 -19.65 20.49 -3.10
C TRP A 219 -19.62 20.05 -4.56
N PHE A 220 -20.60 19.23 -4.93
CA PHE A 220 -20.84 18.93 -6.32
C PHE A 220 -21.59 20.09 -6.99
N SER A 221 -21.19 20.44 -8.20
CA SER A 221 -21.82 21.51 -8.97
C SER A 221 -22.68 20.98 -10.09
N TRP A 222 -22.14 20.15 -10.96
CA TRP A 222 -22.91 19.55 -12.05
C TRP A 222 -22.06 18.46 -12.70
N GLY A 223 -22.73 17.66 -13.52
CA GLY A 223 -22.01 16.70 -14.33
C GLY A 223 -22.86 15.61 -14.93
N GLY A 224 -22.58 15.29 -16.18
CA GLY A 224 -23.25 14.16 -16.82
C GLY A 224 -22.81 12.84 -16.22
N GLN A 225 -23.76 11.91 -16.15
CA GLN A 225 -23.53 10.54 -15.67
C GLN A 225 -23.16 10.47 -14.19
N ALA A 226 -23.41 11.52 -13.41
CA ALA A 226 -22.91 11.65 -12.05
C ALA A 226 -24.04 11.57 -11.03
N VAL A 227 -23.87 10.71 -10.03
CA VAL A 227 -24.87 10.51 -8.97
C VAL A 227 -24.16 10.28 -7.65
N PRO A 228 -24.62 10.87 -6.54
CA PRO A 228 -24.03 10.57 -5.23
C PRO A 228 -24.44 9.20 -4.74
N VAL A 229 -23.54 8.59 -3.98
CA VAL A 229 -23.72 7.26 -3.43
C VAL A 229 -23.20 7.27 -2.00
N THR A 230 -23.96 6.70 -1.07
CA THR A 230 -23.46 6.39 0.27
C THR A 230 -23.61 4.89 0.47
N ALA A 231 -22.50 4.21 0.66
CA ALA A 231 -22.50 2.76 0.73
C ALA A 231 -23.06 2.28 2.07
N ASP A 232 -23.63 1.07 2.03
CA ASP A 232 -24.13 0.42 3.24
C ASP A 232 -23.75 -1.05 3.31
N GLY A 233 -22.83 -1.51 2.47
CA GLY A 233 -22.38 -2.88 2.49
C GLY A 233 -22.98 -3.79 1.44
N THR A 234 -24.07 -3.36 0.78
CA THR A 234 -24.83 -4.25 -0.10
C THR A 234 -24.50 -4.10 -1.58
N ALA A 235 -23.89 -3.00 -1.99
CA ALA A 235 -23.57 -2.80 -3.40
C ALA A 235 -22.32 -1.95 -3.49
N ALA A 236 -21.67 -1.98 -4.65
CA ALA A 236 -20.44 -1.22 -4.85
C ALA A 236 -20.71 0.25 -4.53
N PRO A 237 -19.76 0.96 -3.91
CA PRO A 237 -18.41 0.49 -3.59
C PRO A 237 -18.27 -0.22 -2.24
N PHE A 238 -19.41 -0.66 -1.67
CA PHE A 238 -19.50 -1.49 -0.46
C PHE A 238 -19.20 -0.73 0.82
N PHE A 239 -18.07 -0.04 0.86
CA PHE A 239 -17.76 0.89 1.93
C PHE A 239 -17.56 2.26 1.31
N SER A 240 -17.88 3.29 2.08
CA SER A 240 -17.66 4.65 1.63
C SER A 240 -17.43 5.54 2.83
N ASP A 241 -16.68 6.62 2.62
CA ASP A 241 -16.48 7.63 3.64
C ASP A 241 -17.62 8.64 3.46
N GLY A 242 -18.76 8.36 4.08
CA GLY A 242 -19.89 9.23 3.81
C GLY A 242 -20.29 9.16 2.36
N LYS A 243 -20.67 10.31 1.82
CA LYS A 243 -21.08 10.40 0.42
C LYS A 243 -19.87 10.40 -0.50
N CYS A 244 -19.96 9.64 -1.59
CA CYS A 244 -19.01 9.72 -2.70
C CYS A 244 -19.82 9.97 -3.96
N TYR A 245 -19.14 10.26 -5.07
CA TYR A 245 -19.81 10.46 -6.34
C TYR A 245 -19.43 9.39 -7.35
N SER A 246 -20.43 8.88 -8.06
CA SER A 246 -20.24 7.89 -9.11
C SER A 246 -20.31 8.52 -10.48
N ILE A 247 -19.52 7.96 -11.40
CA ILE A 247 -19.66 8.15 -12.83
C ILE A 247 -20.02 6.78 -13.41
N SER A 248 -21.16 6.68 -14.09
CA SER A 248 -21.59 5.35 -14.51
C SER A 248 -22.51 5.46 -15.72
N GLY A 249 -22.56 4.36 -16.48
CA GLY A 249 -23.47 4.25 -17.61
C GLY A 249 -22.77 3.60 -18.79
N GLU A 250 -23.42 3.67 -19.95
CA GLU A 250 -22.87 3.10 -21.17
C GLU A 250 -22.16 4.20 -21.96
N LEU A 251 -20.88 3.96 -22.26
CA LEU A 251 -20.02 4.93 -22.93
C LEU A 251 -19.74 4.41 -24.34
N SER A 252 -20.30 5.08 -25.33
CA SER A 252 -20.20 4.62 -26.71
C SER A 252 -18.83 4.95 -27.28
N ALA A 253 -18.58 4.39 -28.47
CA ALA A 253 -17.42 4.79 -29.24
C ALA A 253 -17.57 6.22 -29.74
N TRP A 254 -16.43 6.86 -30.01
CA TRP A 254 -16.39 8.19 -30.61
C TRP A 254 -17.20 9.20 -29.80
N ASN A 255 -17.02 9.16 -28.49
CA ASN A 255 -17.78 10.01 -27.57
C ASN A 255 -16.85 11.06 -26.98
N TYR A 256 -17.06 12.30 -27.36
CA TYR A 256 -16.19 13.40 -26.95
C TYR A 256 -16.78 14.24 -25.84
N TRP A 257 -17.93 13.84 -25.27
CA TRP A 257 -18.54 14.59 -24.19
C TRP A 257 -19.54 13.66 -23.53
N TRP A 258 -19.23 13.22 -22.31
CA TRP A 258 -20.03 12.15 -21.70
C TRP A 258 -20.22 12.36 -20.20
N GLY A 259 -19.22 12.03 -19.38
CA GLY A 259 -19.35 12.08 -17.94
C GLY A 259 -18.48 13.19 -17.35
N GLN A 260 -19.00 13.86 -16.33
CA GLN A 260 -18.22 14.89 -15.65
C GLN A 260 -18.56 14.89 -14.16
N LEU A 261 -17.56 15.22 -13.36
CA LEU A 261 -17.75 15.67 -11.98
C LEU A 261 -17.17 17.08 -11.93
N GLN A 262 -18.05 18.08 -11.91
CA GLN A 262 -17.63 19.48 -11.83
C GLN A 262 -17.96 19.90 -10.41
N ASN A 263 -16.96 20.22 -9.63
CA ASN A 263 -17.10 20.36 -8.19
C ASN A 263 -16.53 21.68 -7.73
N GLY A 264 -17.08 22.21 -6.64
CA GLY A 264 -16.43 23.29 -5.93
C GLY A 264 -15.56 22.71 -4.82
N ALA A 265 -14.27 23.04 -4.83
CA ALA A 265 -13.36 22.56 -3.79
C ALA A 265 -13.03 23.70 -2.83
N VAL A 266 -12.54 23.32 -1.65
CA VAL A 266 -12.16 24.28 -0.62
C VAL A 266 -10.64 24.20 -0.49
N TRP A 267 -9.95 25.21 -1.03
CA TRP A 267 -8.50 25.13 -1.13
C TRP A 267 -7.76 25.71 0.06
N GLY A 268 -8.46 26.27 1.04
CA GLY A 268 -7.80 26.93 2.15
C GLY A 268 -7.29 26.01 3.24
N ILE A 269 -6.36 25.12 2.90
CA ILE A 269 -5.82 24.19 3.87
C ILE A 269 -5.05 24.94 4.96
N ASP A 270 -5.26 24.53 6.21
CA ASP A 270 -4.53 25.07 7.35
C ASP A 270 -3.03 25.05 7.07
N THR A 271 -2.38 26.21 7.27
CA THR A 271 -0.96 26.32 6.95
C THR A 271 -0.09 25.43 7.83
N ALA A 272 -0.59 25.00 8.99
CA ALA A 272 0.18 24.08 9.82
C ALA A 272 0.33 22.72 9.15
N PHE A 273 -0.53 22.42 8.17
CA PHE A 273 -0.49 21.15 7.48
C PHE A 273 -0.06 21.27 6.03
N LEU A 274 0.06 22.49 5.51
CA LEU A 274 0.60 22.72 4.17
C LEU A 274 1.11 24.14 4.09
N PRO A 275 2.41 24.36 4.25
CA PRO A 275 2.91 25.74 4.28
C PRO A 275 2.64 26.49 2.98
N THR A 276 2.38 27.79 3.12
CA THR A 276 2.02 28.61 1.98
C THR A 276 3.09 28.58 0.89
N ASP A 277 4.36 28.57 1.27
CA ASP A 277 5.41 28.67 0.26
C ASP A 277 5.81 27.33 -0.35
N THR A 278 5.06 26.27 -0.09
CA THR A 278 5.42 24.95 -0.61
C THR A 278 5.45 24.98 -2.14
N PRO A 279 6.53 24.50 -2.77
CA PRO A 279 6.53 24.39 -4.24
C PRO A 279 5.45 23.44 -4.72
N THR A 280 4.75 23.86 -5.78
CA THR A 280 3.76 22.98 -6.37
C THR A 280 4.39 21.73 -6.98
N SER A 281 5.68 21.81 -7.35
CA SER A 281 6.40 20.63 -7.82
C SER A 281 6.52 19.55 -6.76
N GLU A 282 6.29 19.87 -5.49
CA GLU A 282 6.39 18.90 -4.41
C GLU A 282 5.04 18.39 -3.96
N LEU A 283 3.96 18.74 -4.65
CA LEU A 283 2.62 18.43 -4.19
C LEU A 283 1.89 17.56 -5.22
N ALA A 284 0.88 16.82 -4.74
CA ALA A 284 0.02 16.03 -5.60
C ALA A 284 -1.43 16.27 -5.24
N LEU A 285 -2.29 16.24 -6.26
CA LEU A 285 -3.72 16.05 -6.04
C LEU A 285 -3.98 14.56 -5.93
N GLN A 286 -4.54 14.13 -4.79
CA GLN A 286 -4.63 12.73 -4.46
C GLN A 286 -6.07 12.43 -4.09
N PHE A 287 -6.57 11.28 -4.51
CA PHE A 287 -7.97 10.95 -4.24
C PHE A 287 -8.17 9.44 -4.20
N GLU A 288 -9.34 9.05 -3.72
CA GLU A 288 -9.70 7.64 -3.66
C GLU A 288 -10.66 7.34 -4.80
N CYS A 289 -10.45 6.19 -5.43
CA CYS A 289 -11.23 5.79 -6.60
C CYS A 289 -11.55 4.30 -6.55
N PHE A 290 -12.79 3.96 -6.81
CA PHE A 290 -13.25 2.57 -6.83
C PHE A 290 -13.77 2.29 -8.24
N VAL A 291 -13.09 1.42 -8.98
CA VAL A 291 -13.51 1.02 -10.31
C VAL A 291 -14.26 -0.29 -10.15
N ALA A 292 -15.58 -0.27 -10.35
CA ALA A 292 -16.37 -1.47 -10.13
C ALA A 292 -16.36 -2.39 -11.33
N VAL A 293 -16.15 -1.85 -12.53
CA VAL A 293 -16.23 -2.63 -13.76
C VAL A 293 -15.01 -2.30 -14.60
N GLU A 294 -14.23 -3.33 -14.94
CA GLU A 294 -13.07 -3.13 -15.80
C GLU A 294 -13.52 -2.68 -17.18
N TYR A 295 -12.76 -1.77 -17.79
CA TYR A 295 -13.01 -1.32 -19.15
C TYR A 295 -11.73 -1.34 -19.95
N GLY A 296 -11.87 -1.56 -21.25
CA GLY A 296 -10.74 -1.64 -22.15
C GLY A 296 -10.22 -0.29 -22.59
N GLU A 297 -9.42 -0.31 -23.65
CA GLU A 297 -8.78 0.88 -24.15
C GLU A 297 -9.79 1.82 -24.79
N GLY A 298 -9.55 3.12 -24.62
CA GLY A 298 -10.40 4.13 -25.21
C GLY A 298 -10.78 5.21 -24.22
N PRO A 299 -11.57 4.84 -23.21
CA PRO A 299 -12.05 5.84 -22.24
C PRO A 299 -10.92 6.47 -21.44
N VAL A 300 -10.98 7.80 -21.31
CA VAL A 300 -9.93 8.56 -20.65
C VAL A 300 -10.56 9.68 -19.83
N PHE A 301 -9.87 10.07 -18.77
CA PHE A 301 -10.25 11.23 -17.98
C PHE A 301 -9.30 12.38 -18.26
N ARG A 302 -9.85 13.59 -18.21
CA ARG A 302 -9.04 14.76 -18.00
C ARG A 302 -9.42 15.40 -16.67
N ILE A 303 -8.46 16.10 -16.10
CA ILE A 303 -8.62 16.79 -14.82
C ILE A 303 -8.11 18.21 -15.00
N TYR A 304 -8.85 19.19 -14.48
CA TYR A 304 -8.36 20.55 -14.49
C TYR A 304 -8.91 21.29 -13.28
N LEU A 305 -8.14 22.27 -12.80
CA LEU A 305 -8.41 22.97 -11.55
C LEU A 305 -8.60 24.46 -11.82
N LYS A 306 -9.57 25.05 -11.11
CA LYS A 306 -9.85 26.48 -11.18
C LYS A 306 -10.09 26.96 -12.61
N GLY A 307 -10.66 26.10 -13.45
CA GLY A 307 -11.01 26.48 -14.80
C GLY A 307 -9.84 26.57 -15.75
N ASN A 308 -8.65 26.13 -15.33
CA ASN A 308 -7.45 26.27 -16.15
C ASN A 308 -7.34 25.05 -17.08
N GLU A 309 -8.22 25.04 -18.07
CA GLU A 309 -8.20 23.96 -19.07
C GLU A 309 -6.89 23.95 -19.84
N ALA A 310 -6.24 25.12 -19.98
CA ALA A 310 -4.97 25.18 -20.70
C ALA A 310 -3.91 24.32 -20.05
N HIS A 311 -3.99 24.10 -18.74
CA HIS A 311 -3.05 23.24 -18.02
C HIS A 311 -3.71 21.95 -17.55
N ASN A 312 -4.70 21.46 -18.28
CA ASN A 312 -5.34 20.20 -17.91
C ASN A 312 -4.39 19.01 -18.04
N TYR A 313 -4.66 17.99 -17.25
CA TYR A 313 -4.00 16.70 -17.39
C TYR A 313 -4.95 15.76 -18.10
N THR A 314 -4.54 15.24 -19.26
CA THR A 314 -5.42 14.47 -20.12
C THR A 314 -4.99 13.01 -20.20
N ASN A 315 -5.88 12.20 -20.77
CA ASN A 315 -5.60 10.80 -21.12
C ASN A 315 -5.33 9.95 -19.88
N TYR A 316 -6.03 10.24 -18.80
CA TYR A 316 -5.76 9.56 -17.53
C TYR A 316 -6.65 8.33 -17.32
N ARG A 317 -6.02 7.26 -16.85
N ARG A 317 -6.02 7.26 -16.85
CA ARG A 317 -6.72 6.05 -16.42
CA ARG A 317 -6.73 6.06 -16.42
C ARG A 317 -6.45 5.89 -14.93
C ARG A 317 -6.44 5.87 -14.93
N PRO A 318 -7.46 5.85 -14.08
CA PRO A 318 -7.22 5.68 -12.64
C PRO A 318 -6.47 4.40 -12.36
N VAL A 319 -5.31 4.54 -11.73
CA VAL A 319 -4.45 3.43 -11.38
C VAL A 319 -3.98 3.65 -9.95
N SER A 320 -3.70 2.56 -9.25
CA SER A 320 -3.28 2.64 -7.85
C SER A 320 -1.83 3.12 -7.74
N ASP A 321 -1.59 4.05 -6.80
CA ASP A 321 -0.22 4.43 -6.47
C ASP A 321 0.59 3.23 -5.98
N PHE A 322 -0.09 2.24 -5.43
CA PHE A 322 0.56 1.09 -4.80
C PHE A 322 1.02 0.09 -5.85
N THR A 323 0.15 -0.28 -6.78
CA THR A 323 0.45 -1.31 -7.77
C THR A 323 0.77 -0.75 -9.15
N GLY A 324 0.44 0.52 -9.42
CA GLY A 324 0.59 1.04 -10.75
C GLY A 324 -0.48 0.60 -11.74
N LYS A 325 -1.48 -0.16 -11.30
CA LYS A 325 -2.51 -0.69 -12.17
C LYS A 325 -3.89 -0.42 -11.59
N THR A 326 -4.92 -0.59 -12.43
CA THR A 326 -6.29 -0.48 -11.94
C THR A 326 -6.63 -1.73 -11.13
N GLU A 327 -7.12 -1.53 -9.91
CA GLU A 327 -7.49 -2.61 -9.02
C GLU A 327 -9.01 -2.67 -8.97
N VAL A 328 -9.59 -3.46 -9.87
CA VAL A 328 -11.05 -3.55 -9.97
C VAL A 328 -11.64 -4.10 -8.68
N GLY A 329 -12.69 -3.44 -8.19
CA GLY A 329 -13.39 -3.94 -7.03
C GLY A 329 -12.80 -3.56 -5.69
N GLN A 330 -11.88 -2.60 -5.65
CA GLN A 330 -11.37 -2.15 -4.37
CA GLN A 330 -11.24 -2.19 -4.40
C GLN A 330 -10.95 -0.70 -4.48
N TRP A 331 -11.09 0.01 -3.36
CA TRP A 331 -10.70 1.42 -3.33
C TRP A 331 -9.20 1.55 -3.55
N MET A 332 -8.81 2.44 -4.45
CA MET A 332 -7.41 2.76 -4.73
C MET A 332 -7.11 4.20 -4.36
N GLN A 333 -5.85 4.47 -4.03
CA GLN A 333 -5.37 5.84 -3.95
C GLN A 333 -4.71 6.20 -5.28
N CYS A 334 -5.11 7.35 -5.82
CA CYS A 334 -4.63 7.85 -7.11
C CYS A 334 -4.03 9.23 -6.88
N SER A 335 -2.81 9.44 -7.38
CA SER A 335 -2.13 10.73 -7.24
C SER A 335 -1.77 11.30 -8.61
N ILE A 336 -1.95 12.60 -8.75
CA ILE A 336 -1.54 13.34 -9.95
C ILE A 336 -0.66 14.51 -9.52
N PRO A 337 0.54 14.67 -10.07
CA PRO A 337 1.39 15.77 -9.62
C PRO A 337 0.70 17.10 -9.86
N LEU A 338 0.72 17.96 -8.85
CA LEU A 338 0.04 19.24 -8.96
C LEU A 338 0.68 20.11 -10.04
N SER A 339 1.98 19.93 -10.28
CA SER A 339 2.63 20.68 -11.35
C SER A 339 2.13 20.28 -12.74
N GLU A 340 1.41 19.15 -12.88
CA GLU A 340 0.77 18.80 -14.14
C GLU A 340 -0.59 19.47 -14.29
N LEU A 341 -1.05 20.18 -13.27
CA LEU A 341 -2.39 20.74 -13.25
C LEU A 341 -2.42 22.25 -13.05
N VAL A 342 -1.35 22.86 -12.56
CA VAL A 342 -1.38 24.26 -12.17
C VAL A 342 -0.18 24.98 -12.77
N ASP A 343 -0.39 26.25 -13.15
CA ASP A 343 0.67 27.09 -13.71
C ASP A 343 1.56 27.67 -12.61
N GLU A 344 1.02 27.83 -11.42
CA GLU A 344 1.69 28.53 -10.33
C GLU A 344 2.83 27.67 -9.75
N THR A 345 3.87 28.36 -9.27
CA THR A 345 5.04 27.66 -8.73
C THR A 345 4.98 27.39 -7.25
N THR A 346 4.15 28.11 -6.49
CA THR A 346 3.98 27.85 -5.07
C THR A 346 2.52 27.59 -4.78
N TRP A 347 2.29 26.85 -3.70
CA TRP A 347 0.92 26.54 -3.27
C TRP A 347 0.14 27.83 -3.01
N GLY A 348 0.77 28.79 -2.32
CA GLY A 348 0.07 30.03 -2.00
C GLY A 348 -0.36 30.80 -3.24
N GLU A 349 0.49 30.81 -4.26
CA GLU A 349 0.09 31.49 -5.49
CA GLU A 349 0.13 31.45 -5.52
C GLU A 349 -1.08 30.78 -6.16
N PHE A 350 -1.11 29.44 -6.13
CA PHE A 350 -2.27 28.75 -6.66
C PHE A 350 -3.53 29.06 -5.85
N GLN A 351 -3.40 29.14 -4.52
CA GLN A 351 -4.55 29.48 -3.69
C GLN A 351 -5.10 30.84 -4.06
N LYS A 352 -4.23 31.78 -4.40
CA LYS A 352 -4.67 33.13 -4.72
C LYS A 352 -5.31 33.23 -6.10
N ARG A 353 -5.11 32.23 -6.96
CA ARG A 353 -5.75 32.24 -8.26
C ARG A 353 -7.28 32.24 -8.11
N ASP A 354 -7.94 33.03 -8.93
CA ASP A 354 -9.39 33.10 -8.87
CA ASP A 354 -9.39 33.12 -8.93
C ASP A 354 -10.01 31.76 -9.21
N GLY A 355 -11.19 31.52 -8.65
CA GLY A 355 -11.95 30.32 -8.90
C GLY A 355 -11.76 29.26 -7.83
N ASP A 356 -12.57 28.20 -7.92
CA ASP A 356 -12.50 27.12 -6.94
C ASP A 356 -12.72 25.73 -7.51
N GLU A 357 -12.91 25.59 -8.82
CA GLU A 357 -13.41 24.34 -9.37
C GLU A 357 -12.35 23.23 -9.35
N LEU A 358 -12.81 22.02 -9.14
CA LEU A 358 -12.05 20.78 -9.33
C LEU A 358 -12.89 19.98 -10.32
N ALA A 359 -12.37 19.74 -11.52
CA ALA A 359 -13.12 19.09 -12.58
C ALA A 359 -12.47 17.81 -13.08
N LEU A 360 -13.30 16.78 -13.28
CA LEU A 360 -12.91 15.53 -13.92
C LEU A 360 -13.90 15.25 -15.03
N GLN A 361 -13.40 14.89 -16.22
CA GLN A 361 -14.29 14.60 -17.34
C GLN A 361 -13.84 13.35 -18.07
N MET A 362 -14.80 12.45 -18.32
CA MET A 362 -14.53 11.18 -18.99
C MET A 362 -15.09 11.22 -20.40
N THR A 363 -14.29 10.79 -21.37
CA THR A 363 -14.66 10.70 -22.77
C THR A 363 -14.13 9.39 -23.33
N ASN A 364 -14.54 9.06 -24.56
CA ASN A 364 -14.01 7.89 -25.27
C ASN A 364 -13.69 8.30 -26.70
N PRO A 365 -12.58 9.00 -26.92
CA PRO A 365 -12.19 9.43 -28.27
C PRO A 365 -11.53 8.30 -29.07
N SER A 366 -12.29 7.22 -29.29
CA SER A 366 -11.73 6.03 -29.89
C SER A 366 -12.82 5.24 -30.59
N GLU A 367 -12.39 4.31 -31.45
CA GLU A 367 -13.30 3.41 -32.14
C GLU A 367 -13.86 2.32 -31.22
N ASN A 368 -13.32 2.17 -30.02
CA ASN A 368 -13.68 1.05 -29.17
C ASN A 368 -14.93 1.33 -28.36
N GLY A 369 -15.66 0.26 -28.02
CA GLY A 369 -16.88 0.39 -27.27
C GLY A 369 -18.04 -0.33 -27.92
N PRO A 370 -19.24 -0.22 -27.33
CA PRO A 370 -19.50 0.55 -26.10
C PRO A 370 -18.96 -0.15 -24.85
N TYR A 371 -18.78 0.61 -23.78
CA TYR A 371 -18.27 0.09 -22.52
C TYR A 371 -19.25 0.44 -21.41
N ASN A 372 -19.48 -0.53 -20.52
CA ASN A 372 -20.18 -0.24 -19.27
CA ASN A 372 -20.18 -0.24 -19.27
C ASN A 372 -19.19 0.33 -18.27
N ILE A 373 -19.48 1.52 -17.74
CA ILE A 373 -18.60 2.23 -16.82
C ILE A 373 -19.28 2.30 -15.46
N GLU A 374 -18.51 2.07 -14.39
CA GLU A 374 -19.04 2.25 -13.04
C GLU A 374 -17.86 2.52 -12.12
N MET A 375 -17.75 3.76 -11.65
CA MET A 375 -16.58 4.20 -10.87
C MET A 375 -17.05 5.20 -9.83
N TYR A 376 -16.31 5.28 -8.73
CA TYR A 376 -16.65 6.14 -7.59
C TYR A 376 -15.41 6.90 -7.14
N PHE A 377 -15.63 8.12 -6.67
CA PHE A 377 -14.56 9.05 -6.32
C PHE A 377 -14.86 9.72 -4.99
N ASP A 378 -13.82 9.95 -4.18
CA ASP A 378 -14.00 10.63 -2.91
C ASP A 378 -12.65 11.13 -2.41
N ASN A 379 -12.71 12.01 -1.41
CA ASN A 379 -11.56 12.37 -0.59
C ASN A 379 -10.40 12.94 -1.41
N PHE A 380 -10.68 14.02 -2.14
CA PHE A 380 -9.61 14.72 -2.84
C PHE A 380 -8.82 15.55 -1.83
N ARG A 381 -7.50 15.39 -1.84
CA ARG A 381 -6.61 16.10 -0.94
C ARG A 381 -5.38 16.57 -1.70
N VAL A 382 -4.76 17.64 -1.20
CA VAL A 382 -3.49 18.13 -1.74
C VAL A 382 -2.41 17.85 -0.70
N VAL A 383 -1.40 17.04 -1.07
CA VAL A 383 -0.42 16.53 -0.11
C VAL A 383 0.96 16.54 -0.74
N LYS A 384 1.97 16.50 0.13
CA LYS A 384 3.35 16.42 -0.35
C LYS A 384 3.63 15.04 -0.93
N ILE A 385 4.40 15.01 -2.00
CA ILE A 385 4.92 13.76 -2.55
C ILE A 385 6.13 13.33 -1.72
#